data_6IYY
#
_entry.id   6IYY
#
_cell.length_a   46.297
_cell.length_b   104.931
_cell.length_c   124.882
_cell.angle_alpha   90.000
_cell.angle_beta   90.000
_cell.angle_gamma   90.000
#
_symmetry.space_group_name_H-M   'C 2 2 21'
#
loop_
_entity.id
_entity.type
_entity.pdbx_description
1 polymer 'WD repeat domain phosphoinositide-interacting protein 3'
2 non-polymer 'SULFATE ION'
3 water water
#
_entity_poly.entity_id   1
_entity_poly.type   'polypeptide(L)'
_entity_poly.pdbx_seq_one_letter_code
;GPGSPHGNGLLYAGFNQDHGCFACGMENGFRVYNTDPLKEKEKQEFLEGGVGHVEMLFRCNYLALVGGGKKKVMIWDDLK
KKTVIEIEFSTEVKAVKLRRDRIVVVLDSMIKVFTFTHNPHQLHVFETCYNPKGLCVLCPNSNNSLLAFPGTHTGHVQLV
DLASTEKPPVDIPAHEGVLSCIALNLQGTRIATASEKGTLIRIFDTSSGHLIQELRRGSQAANIYCINFNQDASLICVSS
DHGTVHIFAAEDPKSKWSFSKFQVPSGSPCICAFGTEPNAVIAICADGSYYKFLFNPKGECIRDVYAQFLEMTDDKL
;
_entity_poly.pdbx_strand_id   A
#
loop_
_chem_comp.id
_chem_comp.type
_chem_comp.name
_chem_comp.formula
SO4 non-polymer 'SULFATE ION' 'O4 S -2'
#
# COMPACT_ATOMS: atom_id res chain seq x y z
N GLY A 1 -23.64 4.28 13.24
CA GLY A 1 -23.55 3.23 12.24
C GLY A 1 -23.11 3.70 10.87
N PRO A 2 -21.83 4.10 10.74
CA PRO A 2 -21.32 4.52 9.42
C PRO A 2 -21.28 3.38 8.40
N GLY A 3 -21.10 2.14 8.85
CA GLY A 3 -21.16 1.05 7.90
C GLY A 3 -19.91 0.97 7.04
N SER A 4 -20.06 0.30 5.90
CA SER A 4 -18.96 0.03 4.99
C SER A 4 -19.46 0.24 3.57
N PRO A 5 -18.56 0.55 2.62
CA PRO A 5 -19.02 0.83 1.25
C PRO A 5 -19.89 -0.27 0.66
N HIS A 6 -19.55 -1.55 0.91
CA HIS A 6 -20.30 -2.65 0.33
C HIS A 6 -21.28 -3.32 1.29
N GLY A 7 -21.44 -2.78 2.51
CA GLY A 7 -22.30 -3.43 3.46
C GLY A 7 -21.77 -4.76 3.96
N ASN A 8 -20.47 -5.03 3.77
CA ASN A 8 -19.83 -6.27 4.20
C ASN A 8 -18.82 -6.06 5.31
N GLY A 9 -18.80 -4.88 5.92
CA GLY A 9 -17.91 -4.60 7.03
C GLY A 9 -16.47 -4.28 6.68
N LEU A 10 -16.06 -4.41 5.42
N LEU A 10 -16.08 -4.40 5.41
CA LEU A 10 -14.65 -4.24 5.04
CA LEU A 10 -14.71 -4.19 4.98
C LEU A 10 -14.34 -2.76 4.86
C LEU A 10 -14.40 -2.70 4.90
N LEU A 11 -13.37 -2.27 5.63
CA LEU A 11 -12.98 -0.87 5.62
C LEU A 11 -11.63 -0.60 4.95
N TYR A 12 -10.79 -1.61 4.85
CA TYR A 12 -9.41 -1.44 4.41
C TYR A 12 -8.89 -2.79 3.93
N ALA A 13 -8.08 -2.79 2.88
CA ALA A 13 -7.34 -3.98 2.51
C ALA A 13 -5.99 -3.56 1.99
N GLY A 14 -4.94 -4.32 2.34
CA GLY A 14 -3.60 -3.99 1.89
C GLY A 14 -2.67 -5.18 1.98
N PHE A 15 -1.60 -5.14 1.20
CA PHE A 15 -0.59 -6.20 1.20
C PHE A 15 0.55 -5.89 2.16
N ASN A 16 1.30 -6.95 2.55
CA ASN A 16 2.55 -6.73 3.25
C ASN A 16 3.66 -6.56 2.19
N GLN A 17 4.92 -6.42 2.63
CA GLN A 17 5.97 -5.98 1.71
C GLN A 17 6.06 -6.86 0.46
N ASP A 18 6.21 -8.17 0.62
CA ASP A 18 6.37 -9.02 -0.56
C ASP A 18 5.04 -9.54 -1.08
N HIS A 19 3.92 -9.01 -0.59
CA HIS A 19 2.57 -9.32 -1.09
C HIS A 19 2.18 -10.77 -0.89
N GLY A 20 2.88 -11.48 0.00
CA GLY A 20 2.54 -12.86 0.28
C GLY A 20 1.37 -13.01 1.24
N CYS A 21 1.01 -11.92 1.91
CA CYS A 21 -0.13 -11.79 2.80
C CYS A 21 -0.88 -10.51 2.47
N PHE A 22 -2.17 -10.50 2.79
CA PHE A 22 -2.94 -9.27 2.77
C PHE A 22 -3.81 -9.28 4.01
N ALA A 23 -4.14 -8.09 4.46
CA ALA A 23 -4.93 -7.92 5.66
C ALA A 23 -6.09 -7.01 5.34
N CYS A 24 -7.20 -7.27 6.01
CA CYS A 24 -8.39 -6.43 5.87
C CYS A 24 -8.67 -5.81 7.22
N GLY A 25 -8.97 -4.52 7.21
CA GLY A 25 -9.51 -3.88 8.40
C GLY A 25 -11.03 -3.94 8.26
N MET A 26 -11.70 -4.42 9.32
CA MET A 26 -13.14 -4.63 9.33
C MET A 26 -13.79 -3.81 10.43
N GLU A 27 -15.09 -3.60 10.27
CA GLU A 27 -15.85 -2.91 11.31
C GLU A 27 -15.78 -3.63 12.66
N ASN A 28 -15.49 -4.95 12.67
CA ASN A 28 -15.37 -5.69 13.92
C ASN A 28 -13.96 -6.22 14.24
N GLY A 29 -12.94 -5.78 13.53
CA GLY A 29 -11.57 -6.21 13.83
C GLY A 29 -10.70 -6.25 12.60
N PHE A 30 -9.90 -7.32 12.47
CA PHE A 30 -9.04 -7.43 11.29
C PHE A 30 -8.91 -8.89 10.93
N ARG A 31 -8.55 -9.12 9.67
CA ARG A 31 -8.37 -10.45 9.10
C ARG A 31 -7.09 -10.46 8.28
N VAL A 32 -6.37 -11.59 8.34
CA VAL A 32 -5.14 -11.73 7.58
C VAL A 32 -5.24 -12.99 6.75
N TYR A 33 -4.78 -12.89 5.50
CA TYR A 33 -4.83 -13.96 4.53
C TYR A 33 -3.45 -14.21 3.94
N ASN A 34 -3.12 -15.47 3.70
CA ASN A 34 -2.07 -15.73 2.73
C ASN A 34 -2.61 -15.39 1.35
N THR A 35 -1.79 -14.71 0.55
CA THR A 35 -2.28 -14.20 -0.72
C THR A 35 -2.45 -15.31 -1.76
N ASP A 36 -1.49 -16.22 -1.86
CA ASP A 36 -1.47 -17.13 -3.00
C ASP A 36 -0.61 -18.35 -2.66
N PRO A 37 -1.22 -19.53 -2.36
CA PRO A 37 -2.67 -19.80 -2.40
C PRO A 37 -3.43 -19.08 -1.30
N LEU A 38 -4.63 -18.63 -1.64
CA LEU A 38 -5.46 -17.89 -0.71
C LEU A 38 -5.78 -18.76 0.49
N LYS A 39 -5.55 -18.23 1.69
CA LYS A 39 -5.81 -18.99 2.91
C LYS A 39 -6.05 -18.01 4.02
N GLU A 40 -7.08 -18.24 4.83
CA GLU A 40 -7.30 -17.38 5.99
C GLU A 40 -6.27 -17.73 7.05
N LYS A 41 -5.54 -16.74 7.55
CA LYS A 41 -4.50 -17.01 8.55
C LYS A 41 -4.81 -16.47 9.94
N GLU A 42 -5.61 -15.43 10.05
CA GLU A 42 -6.02 -14.96 11.36
C GLU A 42 -7.31 -14.19 11.19
N LYS A 43 -8.22 -14.34 12.14
CA LYS A 43 -9.46 -13.57 12.14
C LYS A 43 -9.68 -13.07 13.55
N GLN A 44 -9.73 -11.75 13.72
CA GLN A 44 -10.11 -11.14 14.98
C GLN A 44 -11.40 -10.38 14.71
N GLU A 45 -12.52 -10.90 15.23
CA GLU A 45 -13.81 -10.31 14.87
C GLU A 45 -14.50 -9.67 16.07
N PHE A 46 -13.78 -9.52 17.20
CA PHE A 46 -14.39 -9.02 18.43
C PHE A 46 -13.59 -7.85 19.02
N LEU A 47 -12.95 -7.07 18.16
CA LEU A 47 -12.20 -5.88 18.55
C LEU A 47 -13.11 -4.67 18.51
N GLU A 48 -13.43 -4.12 19.69
CA GLU A 48 -14.39 -3.03 19.77
C GLU A 48 -13.87 -1.85 18.98
N GLY A 49 -14.74 -1.25 18.18
CA GLY A 49 -14.37 -0.14 17.34
C GLY A 49 -13.86 -0.50 15.95
N GLY A 50 -13.48 -1.75 15.74
CA GLY A 50 -12.94 -2.16 14.45
C GLY A 50 -11.57 -1.60 14.12
N VAL A 51 -11.17 -1.84 12.88
CA VAL A 51 -9.84 -1.46 12.41
C VAL A 51 -9.96 -0.92 11.00
N GLY A 52 -9.44 0.27 10.77
CA GLY A 52 -9.58 0.90 9.47
C GLY A 52 -8.30 1.00 8.65
N HIS A 53 -7.20 0.52 9.22
CA HIS A 53 -5.92 0.43 8.54
C HIS A 53 -5.10 -0.63 9.26
N VAL A 54 -4.46 -1.53 8.51
CA VAL A 54 -3.67 -2.62 9.08
C VAL A 54 -2.34 -2.66 8.35
N GLU A 55 -1.25 -2.66 9.10
N GLU A 55 -1.25 -2.57 9.09
CA GLU A 55 0.09 -2.76 8.53
CA GLU A 55 0.11 -2.75 8.58
C GLU A 55 0.79 -3.97 9.14
C GLU A 55 0.66 -4.07 9.13
N MET A 56 1.31 -4.85 8.27
CA MET A 56 1.89 -6.12 8.70
C MET A 56 3.41 -6.03 8.77
N LEU A 57 3.95 -6.58 9.85
CA LEU A 57 5.39 -6.80 10.03
C LEU A 57 5.58 -8.20 10.63
N PHE A 58 5.14 -9.22 9.89
CA PHE A 58 5.21 -10.59 10.39
C PHE A 58 6.62 -11.05 10.67
N ARG A 59 7.63 -10.47 10.01
CA ARG A 59 9.00 -10.84 10.31
C ARG A 59 9.36 -10.63 11.78
N CYS A 60 8.67 -9.70 12.46
CA CYS A 60 8.82 -9.46 13.89
C CYS A 60 7.56 -9.85 14.67
N ASN A 61 6.62 -10.53 14.03
CA ASN A 61 5.36 -10.97 14.63
C ASN A 61 4.56 -9.79 15.20
N TYR A 62 4.53 -8.68 14.47
CA TYR A 62 3.72 -7.53 14.84
C TYR A 62 2.84 -7.07 13.70
N LEU A 63 1.68 -6.53 14.06
CA LEU A 63 0.86 -5.68 13.19
C LEU A 63 0.68 -4.32 13.83
N ALA A 64 0.43 -3.32 13.00
CA ALA A 64 -0.06 -2.03 13.50
C ALA A 64 -1.48 -1.82 13.02
N LEU A 65 -2.36 -1.43 13.94
CA LEU A 65 -3.78 -1.26 13.68
C LEU A 65 -4.18 0.17 13.96
N VAL A 66 -4.95 0.76 13.05
CA VAL A 66 -5.64 2.01 13.38
C VAL A 66 -7.06 1.68 13.77
N GLY A 67 -7.46 2.12 14.96
CA GLY A 67 -8.81 1.90 15.41
C GLY A 67 -9.80 2.51 14.44
N GLY A 68 -10.97 1.88 14.35
CA GLY A 68 -12.01 2.44 13.53
C GLY A 68 -12.34 3.88 13.89
N GLY A 69 -12.15 4.23 15.18
CA GLY A 69 -12.31 5.60 15.65
C GLY A 69 -11.25 6.57 15.15
N LYS A 70 -10.18 6.08 14.54
CA LYS A 70 -9.17 6.81 13.75
C LYS A 70 -8.18 7.62 14.58
N LYS A 71 -8.16 7.51 15.90
CA LYS A 71 -7.26 8.31 16.69
C LYS A 71 -6.27 7.51 17.50
N LYS A 72 -6.31 6.20 17.41
CA LYS A 72 -5.47 5.30 18.19
C LYS A 72 -4.69 4.40 17.24
N VAL A 73 -3.38 4.31 17.46
CA VAL A 73 -2.52 3.31 16.83
C VAL A 73 -2.26 2.24 17.85
N MET A 74 -2.51 0.99 17.48
N MET A 74 -2.58 1.00 17.51
CA MET A 74 -2.33 -0.15 18.38
CA MET A 74 -2.36 -0.16 18.34
C MET A 74 -1.33 -1.09 17.74
C MET A 74 -1.27 -1.01 17.69
N ILE A 75 -0.27 -1.38 18.47
CA ILE A 75 0.73 -2.35 18.03
C ILE A 75 0.28 -3.70 18.56
N TRP A 76 -0.02 -4.60 17.64
CA TRP A 76 -0.58 -5.91 17.94
C TRP A 76 0.55 -6.95 17.92
N ASP A 77 0.77 -7.60 19.06
CA ASP A 77 1.74 -8.69 19.15
C ASP A 77 1.02 -9.95 18.69
N ASP A 78 1.45 -10.49 17.56
CA ASP A 78 0.71 -11.58 16.93
C ASP A 78 1.02 -12.95 17.54
N LEU A 79 1.99 -13.03 18.44
CA LEU A 79 2.13 -14.24 19.25
C LEU A 79 1.23 -14.17 20.47
N LYS A 80 1.26 -13.04 21.17
CA LYS A 80 0.41 -12.87 22.34
C LYS A 80 -1.05 -12.65 21.94
N LYS A 81 -1.32 -12.28 20.69
CA LYS A 81 -2.68 -11.97 20.21
C LYS A 81 -3.30 -10.83 21.03
N LYS A 82 -2.53 -9.76 21.22
CA LYS A 82 -3.06 -8.63 21.96
C LYS A 82 -2.30 -7.37 21.60
N THR A 83 -2.92 -6.24 21.92
CA THR A 83 -2.26 -4.96 21.76
C THR A 83 -1.27 -4.76 22.90
N VAL A 84 -0.02 -4.49 22.56
CA VAL A 84 1.03 -4.27 23.55
C VAL A 84 1.50 -2.82 23.61
N ILE A 85 1.22 -2.00 22.60
CA ILE A 85 1.56 -0.58 22.60
C ILE A 85 0.38 0.16 22.01
N GLU A 86 -0.01 1.27 22.63
CA GLU A 86 -1.01 2.15 22.05
C GLU A 86 -0.49 3.58 22.08
N ILE A 87 -0.66 4.28 20.96
CA ILE A 87 -0.38 5.70 20.87
C ILE A 87 -1.66 6.40 20.46
N GLU A 88 -2.04 7.42 21.21
CA GLU A 88 -3.23 8.20 20.91
C GLU A 88 -2.83 9.52 20.28
N PHE A 89 -3.59 9.94 19.28
CA PHE A 89 -3.32 11.18 18.60
C PHE A 89 -4.51 12.11 18.73
N SER A 90 -4.24 13.41 18.55
CA SER A 90 -5.26 14.43 18.63
C SER A 90 -5.83 14.77 17.25
N THR A 91 -5.46 14.02 16.22
CA THR A 91 -5.97 14.17 14.86
C THR A 91 -6.04 12.79 14.24
N GLU A 92 -6.79 12.67 13.12
CA GLU A 92 -7.05 11.36 12.52
C GLU A 92 -5.79 10.73 11.94
N VAL A 93 -5.55 9.48 12.29
CA VAL A 93 -4.43 8.71 11.72
C VAL A 93 -4.86 8.16 10.37
N LYS A 94 -4.10 8.49 9.32
CA LYS A 94 -4.45 8.02 7.97
C LYS A 94 -3.76 6.70 7.60
N ALA A 95 -2.59 6.44 8.17
CA ALA A 95 -1.84 5.22 7.88
C ALA A 95 -0.79 5.03 8.95
N VAL A 96 -0.31 3.79 9.07
CA VAL A 96 0.82 3.48 9.92
CA VAL A 96 0.80 3.46 9.93
C VAL A 96 1.73 2.53 9.15
N LYS A 97 3.04 2.74 9.29
CA LYS A 97 4.04 1.89 8.65
C LYS A 97 5.02 1.44 9.72
N LEU A 98 5.52 0.22 9.59
CA LEU A 98 6.40 -0.36 10.60
C LEU A 98 7.69 -0.87 9.95
N ARG A 99 8.80 -0.71 10.64
CA ARG A 99 9.97 -1.55 10.41
C ARG A 99 10.45 -2.03 11.78
N ARG A 100 11.51 -2.85 11.81
CA ARG A 100 11.93 -3.45 13.07
C ARG A 100 12.16 -2.41 14.14
N ASP A 101 12.69 -1.23 13.79
CA ASP A 101 13.08 -0.25 14.80
C ASP A 101 12.35 1.09 14.76
N ARG A 102 11.29 1.22 13.96
CA ARG A 102 10.55 2.49 13.83
C ARG A 102 9.06 2.24 13.69
N ILE A 103 8.27 3.09 14.33
CA ILE A 103 6.82 3.17 14.08
C ILE A 103 6.59 4.49 13.39
N VAL A 104 5.97 4.46 12.22
CA VAL A 104 5.75 5.67 11.43
C VAL A 104 4.25 5.92 11.36
N VAL A 105 3.81 7.08 11.83
CA VAL A 105 2.38 7.39 11.89
C VAL A 105 2.08 8.52 10.92
N VAL A 106 1.12 8.30 10.02
CA VAL A 106 0.81 9.23 8.95
C VAL A 106 -0.46 9.99 9.33
N LEU A 107 -0.34 11.29 9.59
CA LEU A 107 -1.48 12.15 9.88
C LEU A 107 -1.86 12.91 8.61
N ASP A 108 -2.87 13.77 8.71
CA ASP A 108 -3.39 14.47 7.54
C ASP A 108 -2.36 15.40 6.92
N SER A 109 -1.48 15.97 7.75
CA SER A 109 -0.55 16.97 7.22
C SER A 109 0.84 16.81 7.80
N MET A 110 1.14 15.69 8.43
CA MET A 110 2.47 15.41 8.94
C MET A 110 2.63 13.92 9.13
N ILE A 111 3.89 13.51 9.20
CA ILE A 111 4.26 12.14 9.50
C ILE A 111 5.12 12.17 10.74
N LYS A 112 4.77 11.38 11.74
CA LYS A 112 5.52 11.34 12.98
C LYS A 112 6.25 10.00 13.05
N VAL A 113 7.53 10.03 13.43
CA VAL A 113 8.35 8.82 13.48
C VAL A 113 8.71 8.56 14.93
N PHE A 114 8.46 7.35 15.41
CA PHE A 114 8.73 6.98 16.79
C PHE A 114 9.71 5.82 16.83
N THR A 115 10.38 5.68 17.97
CA THR A 115 11.06 4.42 18.26
C THR A 115 10.04 3.29 18.45
N PHE A 116 10.46 2.08 18.10
CA PHE A 116 9.61 0.91 18.29
C PHE A 116 9.97 0.31 19.65
N THR A 117 9.49 0.97 20.70
CA THR A 117 9.78 0.60 22.07
C THR A 117 8.48 0.53 22.85
N HIS A 118 8.54 -0.09 24.03
CA HIS A 118 7.36 -0.22 24.86
C HIS A 118 6.72 1.13 25.13
N ASN A 119 7.53 2.17 25.31
CA ASN A 119 7.06 3.55 25.34
C ASN A 119 7.65 4.24 24.12
N PRO A 120 6.90 4.40 23.03
CA PRO A 120 7.47 5.02 21.84
C PRO A 120 7.86 6.47 22.09
N HIS A 121 9.07 6.82 21.69
CA HIS A 121 9.56 8.19 21.79
C HIS A 121 9.52 8.81 20.39
N GLN A 122 8.93 9.99 20.28
CA GLN A 122 8.90 10.66 19.00
C GLN A 122 10.28 11.17 18.64
N LEU A 123 10.76 10.80 17.45
CA LEU A 123 12.07 11.17 16.93
C LEU A 123 12.01 12.27 15.87
N HIS A 124 11.00 12.27 15.01
CA HIS A 124 10.94 13.20 13.88
C HIS A 124 9.50 13.54 13.57
N VAL A 125 9.30 14.74 13.07
CA VAL A 125 8.03 15.14 12.48
C VAL A 125 8.36 15.75 11.13
N PHE A 126 7.72 15.23 10.08
CA PHE A 126 7.90 15.75 8.74
C PHE A 126 6.56 16.32 8.27
N GLU A 127 6.56 17.59 7.87
CA GLU A 127 5.35 18.17 7.30
C GLU A 127 5.10 17.62 5.91
N THR A 128 3.82 17.41 5.59
CA THR A 128 3.44 16.96 4.26
C THR A 128 2.41 17.93 3.71
N CYS A 129 2.06 17.77 2.43
CA CYS A 129 0.83 18.39 1.94
C CYS A 129 -0.36 17.68 2.58
N TYR A 130 -1.58 18.22 2.41
CA TYR A 130 -2.72 17.46 2.90
C TYR A 130 -2.71 16.09 2.25
N ASN A 131 -2.87 15.06 3.06
CA ASN A 131 -2.59 13.68 2.67
C ASN A 131 -3.75 12.79 3.10
N PRO A 132 -4.96 13.04 2.58
CA PRO A 132 -6.14 12.24 3.02
C PRO A 132 -6.00 10.76 2.79
N LYS A 133 -5.29 10.34 1.75
CA LYS A 133 -5.09 8.90 1.51
C LYS A 133 -4.00 8.29 2.38
N GLY A 134 -3.27 9.09 3.15
CA GLY A 134 -2.19 8.51 3.92
C GLY A 134 -1.04 7.97 3.09
N LEU A 135 -0.72 8.60 1.97
CA LEU A 135 0.37 8.14 1.13
C LEU A 135 1.69 8.18 1.90
N CYS A 136 2.43 7.08 1.86
CA CYS A 136 3.70 6.97 2.59
C CYS A 136 4.22 5.58 2.30
N VAL A 137 5.49 5.44 1.95
CA VAL A 137 6.12 4.13 1.86
C VAL A 137 7.28 4.10 2.85
N LEU A 138 7.50 2.94 3.46
CA LEU A 138 8.61 2.77 4.38
C LEU A 138 9.28 1.45 4.05
N CYS A 139 10.55 1.49 3.67
CA CYS A 139 11.23 0.23 3.40
C CYS A 139 11.48 -0.46 4.73
N PRO A 140 11.14 -1.75 4.86
CA PRO A 140 11.47 -2.50 6.07
C PRO A 140 12.81 -3.24 6.00
N ASN A 141 13.55 -3.14 4.89
CA ASN A 141 14.76 -3.94 4.77
C ASN A 141 15.79 -3.51 5.82
N SER A 142 16.52 -4.49 6.32
CA SER A 142 17.53 -4.21 7.34
C SER A 142 18.48 -3.09 6.88
N ASN A 143 18.88 -3.08 5.63
CA ASN A 143 19.89 -2.15 5.17
C ASN A 143 19.34 -1.02 4.34
N ASN A 144 18.04 -0.73 4.46
CA ASN A 144 17.42 0.35 3.68
C ASN A 144 16.24 0.87 4.50
N SER A 145 16.44 1.98 5.21
CA SER A 145 15.38 2.62 6.00
C SER A 145 14.75 3.80 5.29
N LEU A 146 14.55 3.69 3.99
CA LEU A 146 13.94 4.77 3.23
C LEU A 146 12.52 5.05 3.71
N LEU A 147 12.22 6.33 3.89
CA LEU A 147 10.86 6.80 4.13
C LEU A 147 10.55 7.81 3.03
N ALA A 148 9.41 7.63 2.33
CA ALA A 148 9.08 8.55 1.27
C ALA A 148 7.61 8.94 1.41
N PHE A 149 7.29 10.18 1.10
CA PHE A 149 5.96 10.69 1.40
C PHE A 149 5.75 11.95 0.59
N PRO A 150 4.49 12.41 0.48
CA PRO A 150 4.19 13.60 -0.34
C PRO A 150 4.73 14.84 0.35
N GLY A 151 5.56 15.61 -0.37
CA GLY A 151 6.09 16.82 0.19
C GLY A 151 5.03 17.89 0.26
N THR A 152 5.40 19.02 0.90
CA THR A 152 4.44 20.12 1.06
C THR A 152 4.11 20.81 -0.26
N HIS A 153 4.95 20.64 -1.28
CA HIS A 153 4.70 21.24 -2.59
C HIS A 153 3.98 20.21 -3.45
N THR A 154 2.83 20.63 -4.01
CA THR A 154 1.98 19.70 -4.75
C THR A 154 2.80 18.91 -5.75
N GLY A 155 2.57 17.59 -5.80
CA GLY A 155 3.23 16.73 -6.77
C GLY A 155 4.62 16.28 -6.40
N HIS A 156 5.18 16.77 -5.29
CA HIS A 156 6.54 16.41 -4.94
C HIS A 156 6.56 15.21 -4.00
N VAL A 157 7.63 14.43 -4.09
CA VAL A 157 7.91 13.33 -3.16
C VAL A 157 9.15 13.69 -2.36
N GLN A 158 9.07 13.52 -1.04
CA GLN A 158 10.22 13.70 -0.17
C GLN A 158 10.76 12.32 0.20
N LEU A 159 12.07 12.14 0.10
CA LEU A 159 12.74 10.88 0.43
C LEU A 159 13.70 11.12 1.58
N VAL A 160 13.51 10.35 2.66
CA VAL A 160 14.33 10.47 3.87
C VAL A 160 14.95 9.12 4.20
N ASP A 161 16.19 9.13 4.66
CA ASP A 161 16.85 7.92 5.15
C ASP A 161 16.75 7.93 6.67
N LEU A 162 15.84 7.12 7.23
CA LEU A 162 15.71 7.11 8.67
C LEU A 162 16.96 6.58 9.38
N ALA A 163 17.92 6.02 8.63
CA ALA A 163 19.18 5.60 9.23
C ALA A 163 20.23 6.70 9.26
N SER A 164 20.07 7.74 8.45
CA SER A 164 21.05 8.83 8.39
C SER A 164 20.21 10.10 8.26
N THR A 165 19.76 10.62 9.40
CA THR A 165 18.79 11.71 9.39
C THR A 165 19.41 13.07 9.07
N GLU A 166 20.72 13.23 9.33
CA GLU A 166 21.37 14.52 9.10
C GLU A 166 21.57 14.82 7.60
N LYS A 167 21.75 13.79 6.77
CA LYS A 167 21.84 14.02 5.33
C LYS A 167 20.53 14.63 4.81
N PRO A 168 20.61 15.60 3.89
CA PRO A 168 19.39 16.29 3.48
C PRO A 168 18.45 15.34 2.75
N PRO A 169 17.15 15.59 2.82
CA PRO A 169 16.21 14.74 2.07
C PRO A 169 16.36 14.96 0.58
N VAL A 170 15.87 13.99 -0.18
CA VAL A 170 15.80 14.12 -1.62
C VAL A 170 14.38 14.54 -1.99
N ASP A 171 14.27 15.59 -2.80
CA ASP A 171 13.00 16.21 -3.18
C ASP A 171 12.79 15.91 -4.65
N ILE A 172 11.79 15.10 -4.95
CA ILE A 172 11.50 14.68 -6.33
C ILE A 172 10.30 15.47 -6.82
N PRO A 173 10.43 16.26 -7.88
CA PRO A 173 9.25 16.90 -8.50
C PRO A 173 8.61 15.86 -9.42
N ALA A 174 7.87 14.93 -8.80
CA ALA A 174 7.41 13.75 -9.53
C ALA A 174 6.31 14.09 -10.54
N HIS A 175 5.35 14.94 -10.15
CA HIS A 175 4.21 15.27 -10.98
C HIS A 175 3.86 16.74 -10.82
N GLU A 176 3.16 17.27 -11.81
CA GLU A 176 2.58 18.59 -11.67
C GLU A 176 1.36 18.58 -10.76
N GLY A 177 0.59 17.50 -10.77
CA GLY A 177 -0.64 17.43 -10.01
C GLY A 177 -0.48 16.80 -8.63
N VAL A 178 -1.58 16.83 -7.87
CA VAL A 178 -1.65 16.19 -6.56
C VAL A 178 -1.29 14.71 -6.67
N LEU A 179 -0.40 14.23 -5.79
CA LEU A 179 -0.10 12.78 -5.81
C LEU A 179 -1.30 11.96 -5.32
N SER A 180 -1.53 10.82 -5.99
CA SER A 180 -2.62 9.91 -5.68
CA SER A 180 -2.61 9.92 -5.62
C SER A 180 -2.15 8.51 -5.31
N CYS A 181 -0.97 8.09 -5.73
CA CYS A 181 -0.53 6.74 -5.42
C CYS A 181 0.99 6.73 -5.40
N ILE A 182 1.59 6.00 -4.44
CA ILE A 182 3.05 5.86 -4.33
C ILE A 182 3.31 4.41 -3.96
N ALA A 183 4.29 3.81 -4.61
CA ALA A 183 4.62 2.41 -4.35
C ALA A 183 6.13 2.25 -4.32
N LEU A 184 6.60 1.34 -3.46
CA LEU A 184 8.02 1.05 -3.32
C LEU A 184 8.30 -0.38 -3.80
N ASN A 185 9.40 -0.58 -4.51
CA ASN A 185 9.72 -1.95 -4.87
C ASN A 185 10.33 -2.68 -3.68
N LEU A 186 10.54 -3.98 -3.87
CA LEU A 186 10.90 -4.81 -2.73
C LEU A 186 12.31 -4.53 -2.25
N GLN A 187 13.16 -4.09 -3.15
CA GLN A 187 14.53 -3.77 -2.80
C GLN A 187 14.67 -2.36 -2.24
N GLY A 188 13.61 -1.55 -2.32
CA GLY A 188 13.65 -0.20 -1.79
C GLY A 188 14.44 0.76 -2.64
N THR A 189 14.77 0.36 -3.87
CA THR A 189 15.58 1.15 -4.78
C THR A 189 14.76 1.96 -5.78
N ARG A 190 13.46 1.70 -5.88
CA ARG A 190 12.62 2.34 -6.89
C ARG A 190 11.26 2.66 -6.27
N ILE A 191 10.76 3.87 -6.55
CA ILE A 191 9.39 4.24 -6.19
C ILE A 191 8.64 4.56 -7.45
N ALA A 192 7.35 4.23 -7.46
CA ALA A 192 6.48 4.49 -8.60
C ALA A 192 5.38 5.41 -8.11
N THR A 193 4.97 6.36 -8.96
CA THR A 193 4.06 7.40 -8.47
C THR A 193 3.08 7.79 -9.55
N ALA A 194 1.89 8.24 -9.12
CA ALA A 194 0.84 8.68 -10.03
C ALA A 194 0.19 9.89 -9.39
N SER A 195 -0.25 10.83 -10.23
CA SER A 195 -1.01 11.98 -9.77
C SER A 195 -2.51 11.70 -9.89
N GLU A 196 -3.33 12.65 -9.46
CA GLU A 196 -4.78 12.41 -9.62
C GLU A 196 -5.19 12.38 -11.09
N LYS A 197 -4.36 12.91 -11.99
CA LYS A 197 -4.68 12.80 -13.41
C LYS A 197 -4.56 11.36 -13.90
N GLY A 198 -3.53 10.65 -13.45
CA GLY A 198 -3.47 9.21 -13.62
C GLY A 198 -3.20 8.74 -15.03
N THR A 199 -2.70 9.62 -15.89
CA THR A 199 -2.35 9.21 -17.24
C THR A 199 -0.95 8.61 -17.31
N LEU A 200 -0.05 9.06 -16.44
CA LEU A 200 1.37 8.68 -16.48
C LEU A 200 1.80 8.13 -15.13
N ILE A 201 2.47 6.97 -15.13
CA ILE A 201 3.07 6.39 -13.94
C ILE A 201 4.57 6.58 -14.05
N ARG A 202 5.19 7.14 -13.01
CA ARG A 202 6.61 7.44 -13.10
C ARG A 202 7.38 6.63 -12.09
N ILE A 203 8.55 6.12 -12.49
CA ILE A 203 9.38 5.31 -11.62
C ILE A 203 10.68 6.05 -11.38
N PHE A 204 11.05 6.22 -10.11
CA PHE A 204 12.22 6.99 -9.75
C PHE A 204 13.20 6.17 -8.93
N ASP A 205 14.48 6.49 -9.11
CA ASP A 205 15.51 5.92 -8.27
C ASP A 205 15.44 6.56 -6.89
N THR A 206 15.45 5.75 -5.83
CA THR A 206 15.28 6.26 -4.48
C THR A 206 16.58 6.81 -3.88
N SER A 207 17.72 6.63 -4.54
CA SER A 207 18.95 7.27 -4.06
C SER A 207 19.12 8.65 -4.66
N SER A 208 18.95 8.76 -5.98
CA SER A 208 19.22 10.00 -6.69
C SER A 208 17.99 10.84 -6.91
N GLY A 209 16.81 10.24 -6.85
CA GLY A 209 15.59 10.91 -7.24
C GLY A 209 15.37 11.01 -8.73
N HIS A 210 16.30 10.49 -9.54
CA HIS A 210 16.17 10.62 -10.99
C HIS A 210 15.03 9.75 -11.52
N LEU A 211 14.38 10.27 -12.57
CA LEU A 211 13.33 9.54 -13.26
C LEU A 211 13.98 8.45 -14.11
N ILE A 212 13.54 7.20 -13.94
CA ILE A 212 14.14 6.11 -14.69
C ILE A 212 13.19 5.54 -15.73
N GLN A 213 11.88 5.63 -15.55
CA GLN A 213 10.95 5.18 -16.56
C GLN A 213 9.62 5.92 -16.39
N GLU A 214 9.04 6.38 -17.50
CA GLU A 214 7.68 6.88 -17.50
C GLU A 214 6.79 5.90 -18.27
N LEU A 215 5.66 5.56 -17.70
CA LEU A 215 4.71 4.64 -18.31
C LEU A 215 3.38 5.35 -18.55
N ARG A 216 2.70 5.00 -19.64
CA ARG A 216 1.42 5.64 -19.95
C ARG A 216 0.27 4.66 -19.71
N ARG A 217 -0.57 4.99 -18.72
CA ARG A 217 -1.74 4.18 -18.43
C ARG A 217 -2.83 4.39 -19.48
N GLY A 218 -2.94 5.59 -20.01
CA GLY A 218 -3.96 5.89 -21.00
C GLY A 218 -3.90 7.34 -21.39
N SER A 219 -4.72 7.69 -22.36
CA SER A 219 -4.77 9.08 -22.77
C SER A 219 -5.78 9.88 -21.96
N GLN A 220 -6.78 9.22 -21.36
CA GLN A 220 -7.74 9.90 -20.51
C GLN A 220 -7.36 9.72 -19.06
N ALA A 221 -7.82 10.67 -18.23
CA ALA A 221 -7.57 10.59 -16.81
C ALA A 221 -8.19 9.34 -16.18
N ALA A 222 -7.56 8.87 -15.11
CA ALA A 222 -8.09 7.76 -14.34
C ALA A 222 -7.71 7.99 -12.89
N ASN A 223 -8.47 7.38 -12.01
CA ASN A 223 -8.15 7.41 -10.58
C ASN A 223 -7.35 6.16 -10.27
N ILE A 224 -6.03 6.31 -10.13
CA ILE A 224 -5.13 5.18 -9.89
C ILE A 224 -5.29 4.75 -8.44
N TYR A 225 -5.55 3.47 -8.23
CA TYR A 225 -5.88 2.96 -6.92
C TYR A 225 -4.74 2.20 -6.27
N CYS A 226 -3.93 1.50 -7.05
CA CYS A 226 -2.85 0.70 -6.50
C CYS A 226 -1.76 0.55 -7.55
N ILE A 227 -0.49 0.54 -7.12
CA ILE A 227 0.64 0.21 -7.97
C ILE A 227 1.50 -0.79 -7.21
N ASN A 228 2.06 -1.79 -7.90
CA ASN A 228 3.00 -2.68 -7.24
C ASN A 228 3.98 -3.23 -8.27
N PHE A 229 5.21 -3.41 -7.81
CA PHE A 229 6.28 -4.05 -8.57
C PHE A 229 6.23 -5.56 -8.39
N ASN A 230 6.73 -6.30 -9.38
CA ASN A 230 6.94 -7.73 -9.18
C ASN A 230 8.27 -7.94 -8.42
N GLN A 231 8.72 -9.20 -8.31
CA GLN A 231 9.79 -9.48 -7.35
C GLN A 231 11.09 -8.74 -7.67
N ASP A 232 11.46 -8.65 -8.94
CA ASP A 232 12.71 -8.01 -9.33
C ASP A 232 12.49 -6.66 -9.99
N ALA A 233 11.26 -6.13 -9.87
CA ALA A 233 10.89 -4.83 -10.42
C ALA A 233 11.03 -4.77 -11.94
N SER A 234 11.06 -5.94 -12.61
CA SER A 234 10.99 -5.95 -14.06
C SER A 234 9.60 -5.61 -14.60
N LEU A 235 8.55 -5.75 -13.78
CA LEU A 235 7.18 -5.41 -14.14
C LEU A 235 6.52 -4.61 -13.04
N ILE A 236 5.48 -3.84 -13.40
CA ILE A 236 4.59 -3.27 -12.39
C ILE A 236 3.16 -3.52 -12.84
N CYS A 237 2.28 -3.61 -11.85
CA CYS A 237 0.85 -3.64 -12.13
C CYS A 237 0.22 -2.40 -11.53
N VAL A 238 -0.81 -1.89 -12.20
CA VAL A 238 -1.45 -0.63 -11.85
C VAL A 238 -2.95 -0.85 -11.95
N SER A 239 -3.68 -0.55 -10.89
CA SER A 239 -5.13 -0.69 -10.92
C SER A 239 -5.79 0.67 -10.78
N SER A 240 -6.97 0.81 -11.40
CA SER A 240 -7.81 1.99 -11.26
C SER A 240 -8.99 1.69 -10.35
N ASP A 241 -9.72 2.75 -10.02
CA ASP A 241 -10.91 2.57 -9.19
C ASP A 241 -12.06 1.96 -9.98
N HIS A 242 -11.89 1.70 -11.27
CA HIS A 242 -12.88 0.93 -12.02
C HIS A 242 -12.49 -0.54 -12.11
N GLY A 243 -11.43 -0.94 -11.42
CA GLY A 243 -11.05 -2.34 -11.39
C GLY A 243 -10.32 -2.81 -12.60
N THR A 244 -9.82 -1.88 -13.43
CA THR A 244 -8.95 -2.24 -14.54
C THR A 244 -7.54 -2.36 -14.03
N VAL A 245 -6.84 -3.43 -14.40
CA VAL A 245 -5.47 -3.65 -13.96
C VAL A 245 -4.58 -3.72 -15.21
N HIS A 246 -3.59 -2.84 -15.28
CA HIS A 246 -2.60 -2.83 -16.36
C HIS A 246 -1.32 -3.48 -15.88
N ILE A 247 -0.68 -4.25 -16.75
CA ILE A 247 0.61 -4.85 -16.48
C ILE A 247 1.62 -4.25 -17.46
N PHE A 248 2.67 -3.61 -16.91
CA PHE A 248 3.71 -2.94 -17.69
C PHE A 248 5.07 -3.60 -17.55
N ALA A 249 5.86 -3.52 -18.62
CA ALA A 249 7.29 -3.79 -18.50
C ALA A 249 7.92 -2.54 -17.89
N ALA A 250 8.62 -2.70 -16.78
CA ALA A 250 9.12 -1.52 -16.10
C ALA A 250 10.51 -1.10 -16.56
N GLU A 251 11.31 -2.03 -17.09
CA GLU A 251 12.72 -1.78 -17.40
C GLU A 251 12.93 -1.85 -18.91
N ASP A 252 13.49 -0.77 -19.46
CA ASP A 252 13.71 -0.53 -20.89
C ASP A 252 12.61 -1.19 -21.70
N PRO A 253 11.35 -0.78 -21.51
CA PRO A 253 10.24 -1.51 -22.13
C PRO A 253 10.12 -1.29 -23.63
N LYS A 254 9.56 -2.30 -24.30
CA LYS A 254 9.19 -2.18 -25.71
C LYS A 254 8.32 -0.95 -25.95
N SER A 255 7.38 -0.68 -25.04
CA SER A 255 6.36 0.37 -25.19
C SER A 255 6.17 1.00 -23.82
N LYS A 256 5.73 2.27 -23.79
CA LYS A 256 5.33 2.88 -22.53
C LYS A 256 3.94 2.44 -22.09
N TRP A 257 3.21 1.77 -22.96
CA TRP A 257 1.87 1.32 -22.61
C TRP A 257 1.91 -0.10 -22.09
N SER A 258 0.87 -0.46 -21.33
CA SER A 258 0.81 -1.81 -20.76
C SER A 258 0.74 -2.84 -21.88
N PHE A 259 1.35 -4.01 -21.64
CA PHE A 259 1.27 -5.07 -22.64
C PHE A 259 0.14 -6.05 -22.36
N SER A 260 -0.40 -6.04 -21.15
CA SER A 260 -1.57 -6.82 -20.76
C SER A 260 -2.46 -6.00 -19.85
N LYS A 261 -3.77 -6.29 -19.92
CA LYS A 261 -4.68 -5.66 -18.98
C LYS A 261 -5.85 -6.58 -18.74
N PHE A 262 -6.46 -6.48 -17.56
CA PHE A 262 -7.74 -7.15 -17.35
C PHE A 262 -8.66 -6.24 -16.56
N GLN A 263 -9.94 -6.63 -16.45
CA GLN A 263 -10.84 -5.82 -15.64
C GLN A 263 -11.76 -6.73 -14.84
N VAL A 264 -11.83 -6.48 -13.53
CA VAL A 264 -12.68 -7.33 -12.70
C VAL A 264 -14.15 -7.00 -12.99
N PRO A 265 -15.03 -8.00 -13.00
CA PRO A 265 -16.39 -7.79 -13.51
C PRO A 265 -17.24 -6.87 -12.67
N SER A 266 -16.83 -6.55 -11.44
CA SER A 266 -17.58 -5.62 -10.61
C SER A 266 -17.36 -4.18 -11.04
N GLY A 267 -16.28 -3.90 -11.77
CA GLY A 267 -16.06 -2.54 -12.19
C GLY A 267 -15.74 -1.64 -11.02
N SER A 268 -15.28 -2.22 -9.91
CA SER A 268 -15.02 -1.52 -8.66
CA SER A 268 -15.03 -1.54 -8.65
C SER A 268 -13.54 -1.52 -8.32
N PRO A 269 -13.11 -0.67 -7.37
CA PRO A 269 -11.66 -0.57 -7.10
C PRO A 269 -11.07 -1.88 -6.58
N CYS A 270 -9.84 -2.18 -7.01
CA CYS A 270 -9.10 -3.30 -6.48
CA CYS A 270 -9.11 -3.30 -6.47
C CYS A 270 -7.68 -2.91 -6.17
N ILE A 271 -7.10 -3.56 -5.16
CA ILE A 271 -5.65 -3.54 -5.01
C ILE A 271 -5.09 -4.69 -5.84
N CYS A 272 -3.81 -4.60 -6.18
CA CYS A 272 -3.25 -5.58 -7.09
C CYS A 272 -1.80 -5.84 -6.72
N ALA A 273 -1.37 -7.09 -6.89
CA ALA A 273 0.05 -7.41 -6.76
C ALA A 273 0.31 -8.66 -7.57
N PHE A 274 1.59 -8.92 -7.84
CA PHE A 274 1.92 -10.13 -8.57
C PHE A 274 1.82 -11.33 -7.64
N GLY A 275 1.37 -12.45 -8.20
CA GLY A 275 1.22 -13.66 -7.44
C GLY A 275 2.52 -14.35 -7.16
N THR A 276 2.41 -15.58 -6.66
CA THR A 276 3.57 -16.37 -6.30
C THR A 276 4.38 -16.75 -7.54
N GLU A 277 3.73 -16.97 -8.60
CA GLU A 277 4.37 -17.22 -9.87
C GLU A 277 4.43 -15.94 -10.71
N PRO A 278 5.48 -15.80 -11.52
CA PRO A 278 5.75 -14.50 -12.16
C PRO A 278 4.77 -14.12 -13.26
N ASN A 279 3.97 -15.04 -13.82
CA ASN A 279 2.99 -14.71 -14.85
C ASN A 279 1.58 -14.51 -14.28
N ALA A 280 1.44 -14.21 -13.00
CA ALA A 280 0.10 -14.04 -12.44
C ALA A 280 -0.02 -12.75 -11.66
N VAL A 281 -1.23 -12.19 -11.63
CA VAL A 281 -1.54 -10.98 -10.88
C VAL A 281 -2.76 -11.27 -10.02
N ILE A 282 -2.71 -10.79 -8.78
CA ILE A 282 -3.80 -10.91 -7.82
C ILE A 282 -4.52 -9.57 -7.76
N ALA A 283 -5.85 -9.60 -7.81
CA ALA A 283 -6.65 -8.41 -7.62
C ALA A 283 -7.63 -8.70 -6.49
N ILE A 284 -7.78 -7.77 -5.57
CA ILE A 284 -8.62 -7.94 -4.39
C ILE A 284 -9.53 -6.73 -4.27
N CYS A 285 -10.84 -6.97 -4.16
CA CYS A 285 -11.86 -5.92 -4.14
CA CYS A 285 -11.85 -5.92 -4.13
C CYS A 285 -12.51 -5.84 -2.76
N ALA A 286 -12.85 -4.60 -2.34
CA ALA A 286 -13.56 -4.41 -1.08
C ALA A 286 -14.90 -5.11 -1.06
N ASP A 287 -15.45 -5.47 -2.21
CA ASP A 287 -16.70 -6.20 -2.17
C ASP A 287 -16.50 -7.65 -1.73
N GLY A 288 -15.26 -8.04 -1.43
CA GLY A 288 -14.99 -9.35 -0.91
C GLY A 288 -14.56 -10.36 -1.94
N SER A 289 -14.29 -9.93 -3.17
CA SER A 289 -13.88 -10.84 -4.23
C SER A 289 -12.37 -10.82 -4.38
N TYR A 290 -11.81 -12.00 -4.63
CA TYR A 290 -10.40 -12.20 -4.89
C TYR A 290 -10.25 -12.82 -6.28
N TYR A 291 -9.27 -12.35 -7.05
CA TYR A 291 -9.04 -12.84 -8.41
C TYR A 291 -7.56 -13.10 -8.58
N LYS A 292 -7.22 -14.20 -9.24
CA LYS A 292 -5.85 -14.38 -9.71
C LYS A 292 -5.97 -14.56 -11.21
N PHE A 293 -5.32 -13.68 -11.97
CA PHE A 293 -5.31 -13.74 -13.42
C PHE A 293 -3.93 -14.11 -13.93
N LEU A 294 -3.88 -14.95 -14.95
CA LEU A 294 -2.64 -15.20 -15.69
C LEU A 294 -2.52 -14.21 -16.83
N PHE A 295 -1.27 -13.89 -17.20
CA PHE A 295 -1.06 -12.99 -18.33
C PHE A 295 0.09 -13.47 -19.21
N ASN A 296 0.06 -13.02 -20.47
CA ASN A 296 1.08 -13.25 -21.46
C ASN A 296 1.13 -11.99 -22.31
N PRO A 297 2.33 -11.49 -22.62
CA PRO A 297 2.41 -10.25 -23.43
C PRO A 297 1.62 -10.29 -24.74
N LYS A 298 1.48 -11.46 -25.37
CA LYS A 298 0.80 -11.58 -26.66
C LYS A 298 -0.50 -12.36 -26.56
N GLY A 299 -1.12 -12.38 -25.37
CA GLY A 299 -2.36 -13.09 -25.19
C GLY A 299 -3.28 -12.35 -24.24
N GLU A 300 -4.51 -12.84 -24.18
CA GLU A 300 -5.47 -12.27 -23.24
C GLU A 300 -5.15 -12.79 -21.84
N CYS A 301 -5.50 -11.99 -20.85
CA CYS A 301 -5.48 -12.47 -19.48
C CYS A 301 -6.59 -13.49 -19.28
N ILE A 302 -6.32 -14.53 -18.50
CA ILE A 302 -7.35 -15.51 -18.18
C ILE A 302 -7.39 -15.71 -16.66
N ARG A 303 -8.57 -16.04 -16.16
CA ARG A 303 -8.73 -16.09 -14.71
C ARG A 303 -8.38 -17.47 -14.20
N ASP A 304 -7.40 -17.54 -13.32
CA ASP A 304 -6.95 -18.79 -12.70
C ASP A 304 -7.75 -19.11 -11.45
N VAL A 305 -8.06 -18.09 -10.65
CA VAL A 305 -8.75 -18.31 -9.38
C VAL A 305 -9.78 -17.20 -9.17
N TYR A 306 -10.93 -17.61 -8.65
CA TYR A 306 -11.90 -16.65 -8.14
C TYR A 306 -12.33 -17.10 -6.75
N ALA A 307 -12.47 -16.17 -5.81
CA ALA A 307 -12.90 -16.59 -4.47
C ALA A 307 -13.53 -15.42 -3.76
N GLN A 308 -14.42 -15.74 -2.82
CA GLN A 308 -14.99 -14.74 -1.92
C GLN A 308 -14.26 -14.90 -0.61
N PHE A 309 -13.24 -14.06 -0.38
CA PHE A 309 -12.29 -14.41 0.66
C PHE A 309 -12.86 -14.22 2.05
N LEU A 310 -13.95 -13.45 2.21
CA LEU A 310 -14.51 -13.32 3.55
C LEU A 310 -15.25 -14.57 3.98
N GLU A 311 -15.57 -15.46 3.02
CA GLU A 311 -15.93 -16.85 3.29
C GLU A 311 -14.71 -17.78 3.30
N MET A 312 -13.56 -17.30 3.82
CA MET A 312 -12.29 -18.05 3.87
C MET A 312 -11.81 -18.54 2.49
S SO4 B . 6.46 -9.19 6.69
O1 SO4 B . 7.30 -8.72 7.82
O2 SO4 B . 6.83 -10.57 6.42
O3 SO4 B . 5.05 -9.05 7.02
O4 SO4 B . 6.68 -8.30 5.56
S SO4 C . 16.16 -7.83 4.77
O1 SO4 C . 16.32 -7.21 6.07
O2 SO4 C . 17.05 -8.99 4.64
O3 SO4 C . 14.78 -8.28 4.60
O4 SO4 C . 16.46 -6.85 3.72
S SO4 D . 1.22 15.09 -14.05
O1 SO4 D . 2.65 15.46 -13.89
O2 SO4 D . 1.11 13.64 -14.04
O3 SO4 D . 0.47 15.66 -12.93
O4 SO4 D . 0.65 15.63 -15.30
S SO4 E . -1.25 13.63 -20.40
O1 SO4 E . -1.06 13.64 -18.97
O2 SO4 E . 0.08 13.60 -21.00
O3 SO4 E . -2.03 12.45 -20.76
O4 SO4 E . -1.96 14.84 -20.84
S SO4 F . 3.85 10.05 -24.40
O1 SO4 F . 3.92 11.25 -23.55
O2 SO4 F . 5.19 9.68 -24.85
O3 SO4 F . 3.29 8.95 -23.62
O4 SO4 F . 3.00 10.32 -25.55
S SO4 G . -8.16 2.24 -18.69
O1 SO4 G . -7.35 2.24 -17.46
O2 SO4 G . -7.53 1.47 -19.76
O3 SO4 G . -9.47 1.66 -18.38
O4 SO4 G . -8.33 3.62 -19.15
S SO4 H . -7.69 5.67 -22.78
O1 SO4 H . -7.66 6.54 -21.61
O2 SO4 H . -6.41 5.74 -23.51
O3 SO4 H . -7.89 4.28 -22.34
O4 SO4 H . -8.79 6.05 -23.66
#